data_6NCI
#
_entry.id   6NCI
#
_cell.length_a   61.771
_cell.length_b   67.008
_cell.length_c   111.426
_cell.angle_alpha   90.000
_cell.angle_beta   90.000
_cell.angle_gamma   90.000
#
_symmetry.space_group_name_H-M   'P 21 21 21'
#
loop_
_entity.id
_entity.type
_entity.pdbx_description
1 polymer 'Phosphohydrolase (MutT/nudix family protein)'
2 non-polymer 'SULFATE ION'
3 non-polymer 'PHOSPHATE ION'
4 non-polymer DI(HYDROXYETHYL)ETHER
5 non-polymer D-ribose
6 water water
#
_entity_poly.entity_id   1
_entity_poly.type   'polypeptide(L)'
_entity_poly.pdbx_seq_one_letter_code
;MTIKWIDWVKQIQSIAQAGLTYSKDVYDIERFQQLRDISISMMSHYTKTDWEVVEKLFASETGYQTPKVDIRAVVFQNEK
LLFVKEKSDGKWALPGGWADVGYTPTEVAAKEVFEETGYEVDHFKLLAIFDKEKHQPSPSATHVYKIFIGCEIIGGEKKT
SIETEEVEFFGENELPNLSIARNTEDQIKEMFAYMKDPQKEKLID
;
_entity_poly.pdbx_strand_id   A,B
#
loop_
_chem_comp.id
_chem_comp.type
_chem_comp.name
_chem_comp.formula
PEG non-polymer DI(HYDROXYETHYL)ETHER 'C4 H10 O3'
PO4 non-polymer 'PHOSPHATE ION' 'O4 P -3'
RB5 D-saccharide D-ribose 'C5 H10 O5'
SO4 non-polymer 'SULFATE ION' 'O4 S -2'
#
# COMPACT_ATOMS: atom_id res chain seq x y z
N THR A 2 -21.59 -3.36 2.69
CA THR A 2 -20.29 -3.62 3.38
C THR A 2 -20.38 -3.17 4.84
N ILE A 3 -19.36 -3.51 5.61
CA ILE A 3 -19.16 -3.04 7.01
C ILE A 3 -18.35 -1.73 6.95
N LYS A 4 -19.08 -0.63 7.05
CA LYS A 4 -18.51 0.75 7.05
C LYS A 4 -17.65 0.94 8.30
N TRP A 5 -18.01 0.37 9.46
CA TRP A 5 -17.31 0.79 10.70
C TRP A 5 -15.84 0.34 10.66
N ILE A 6 -15.55 -0.77 10.00
CA ILE A 6 -14.18 -1.36 10.02
C ILE A 6 -13.20 -0.37 9.37
N ASP A 7 -13.57 0.21 8.24
CA ASP A 7 -12.63 1.12 7.54
C ASP A 7 -12.47 2.43 8.34
N TRP A 8 -13.50 2.90 9.01
CA TRP A 8 -13.33 4.08 9.90
C TRP A 8 -12.30 3.77 10.98
N VAL A 9 -12.44 2.62 11.65
CA VAL A 9 -11.59 2.30 12.83
C VAL A 9 -10.16 2.11 12.35
N LYS A 10 -9.97 1.51 11.18
CA LYS A 10 -8.61 1.37 10.58
C LYS A 10 -8.02 2.75 10.33
N GLN A 11 -8.82 3.70 9.90
CA GLN A 11 -8.26 5.05 9.67
C GLN A 11 -7.93 5.75 10.98
N ILE A 12 -8.73 5.57 12.02
CA ILE A 12 -8.42 6.16 13.37
C ILE A 12 -7.08 5.62 13.86
N GLN A 13 -6.86 4.30 13.81
CA GLN A 13 -5.56 3.70 14.28
C GLN A 13 -4.42 4.30 13.46
N SER A 14 -4.62 4.47 12.16
CA SER A 14 -3.57 4.97 11.24
C SER A 14 -3.11 6.38 11.65
N ILE A 15 -4.08 7.26 11.92
CA ILE A 15 -3.77 8.66 12.30
C ILE A 15 -3.14 8.68 13.69
N ALA A 16 -3.63 7.89 14.62
CA ALA A 16 -3.07 7.77 15.97
C ALA A 16 -1.61 7.30 15.88
N GLN A 17 -1.33 6.31 15.03
CA GLN A 17 0.04 5.78 14.78
C GLN A 17 0.95 6.88 14.20
N ALA A 18 0.46 7.69 13.26
CA ALA A 18 1.21 8.84 12.71
C ALA A 18 1.50 9.89 13.80
N GLY A 19 0.50 10.19 14.64
CA GLY A 19 0.67 11.14 15.75
C GLY A 19 1.72 10.65 16.75
N LEU A 20 1.69 9.38 17.14
CA LEU A 20 2.71 8.79 18.06
C LEU A 20 4.09 8.87 17.44
N THR A 21 4.20 8.72 16.12
CA THR A 21 5.51 8.82 15.44
C THR A 21 6.00 10.27 15.41
N TYR A 22 5.16 11.23 15.06
CA TYR A 22 5.65 12.53 14.60
C TYR A 22 5.38 13.67 15.61
N SER A 23 4.35 13.60 16.45
CA SER A 23 4.03 14.72 17.35
C SER A 23 5.17 14.88 18.36
N LYS A 24 5.53 16.12 18.66
CA LYS A 24 6.49 16.44 19.73
C LYS A 24 5.80 17.10 20.92
N ASP A 25 4.47 17.24 20.88
CA ASP A 25 3.70 17.90 21.95
C ASP A 25 3.29 16.86 23.00
N VAL A 26 3.72 16.98 24.26
CA VAL A 26 3.56 15.84 25.21
C VAL A 26 2.07 15.53 25.41
N TYR A 27 1.16 16.52 25.33
CA TYR A 27 -0.30 16.33 25.57
C TYR A 27 -0.98 15.74 24.30
N ASP A 28 -0.49 16.10 23.12
CA ASP A 28 -0.95 15.49 21.84
C ASP A 28 -0.49 14.03 21.73
N ILE A 29 0.73 13.71 22.14
CA ILE A 29 1.25 12.32 22.16
C ILE A 29 0.29 11.47 23.01
N GLU A 30 -0.05 11.96 24.19
CA GLU A 30 -0.99 11.29 25.11
C GLU A 30 -2.38 11.21 24.45
N ARG A 31 -2.87 12.23 23.74
CA ARG A 31 -4.16 12.12 22.99
C ARG A 31 -4.04 11.05 21.90
N PHE A 32 -2.94 10.98 21.16
CA PHE A 32 -2.83 9.96 20.10
C PHE A 32 -2.80 8.55 20.71
N GLN A 33 -2.18 8.38 21.87
CA GLN A 33 -2.12 7.06 22.55
C GLN A 33 -3.53 6.65 23.01
N GLN A 34 -4.29 7.61 23.54
CA GLN A 34 -5.71 7.36 23.98
C GLN A 34 -6.54 6.90 22.78
N LEU A 35 -6.36 7.57 21.65
CA LEU A 35 -7.11 7.25 20.39
C LEU A 35 -6.72 5.87 19.87
N ARG A 36 -5.44 5.55 19.87
CA ARG A 36 -5.04 4.18 19.46
C ARG A 36 -5.75 3.16 20.38
N ASP A 37 -5.72 3.39 21.70
CA ASP A 37 -6.32 2.47 22.69
C ASP A 37 -7.85 2.37 22.49
N ILE A 38 -8.53 3.43 22.11
CA ILE A 38 -9.98 3.31 21.80
C ILE A 38 -10.14 2.43 20.54
N SER A 39 -9.23 2.57 19.57
CA SER A 39 -9.31 1.81 18.31
C SER A 39 -9.15 0.31 18.61
N ILE A 40 -8.27 -0.04 19.54
CA ILE A 40 -8.06 -1.44 19.98
C ILE A 40 -9.35 -1.90 20.67
N SER A 41 -9.91 -1.09 21.55
CA SER A 41 -11.10 -1.48 22.33
C SER A 41 -12.28 -1.72 21.39
N MET A 42 -12.47 -0.86 20.38
CA MET A 42 -13.56 -1.02 19.39
C MET A 42 -13.36 -2.34 18.62
N MET A 43 -12.16 -2.58 18.11
CA MET A 43 -11.86 -3.84 17.38
C MET A 43 -12.11 -5.04 18.31
N SER A 44 -11.61 -4.96 19.53
CA SER A 44 -11.65 -6.07 20.51
C SER A 44 -13.09 -6.50 20.76
N HIS A 45 -13.95 -5.54 21.07
CA HIS A 45 -15.38 -5.79 21.38
C HIS A 45 -16.15 -6.30 20.16
N TYR A 46 -15.99 -5.65 19.01
CA TYR A 46 -16.88 -5.93 17.86
C TYR A 46 -16.33 -7.06 17.00
N THR A 47 -15.17 -7.63 17.32
CA THR A 47 -14.72 -8.88 16.68
C THR A 47 -14.61 -10.00 17.72
N LYS A 48 -14.98 -9.73 18.96
CA LYS A 48 -14.87 -10.68 20.10
C LYS A 48 -13.47 -11.28 20.14
N THR A 49 -12.46 -10.42 20.13
CA THR A 49 -11.04 -10.83 20.09
C THR A 49 -10.38 -10.17 21.30
N ASP A 50 -9.57 -10.94 22.00
CA ASP A 50 -8.80 -10.50 23.20
C ASP A 50 -8.05 -9.18 22.92
N TRP A 51 -8.12 -8.24 23.86
CA TRP A 51 -7.66 -6.84 23.71
C TRP A 51 -6.17 -6.82 23.35
N GLU A 52 -5.36 -7.58 24.10
CA GLU A 52 -3.90 -7.60 23.94
C GLU A 52 -3.53 -8.25 22.61
N VAL A 53 -4.31 -9.22 22.17
CA VAL A 53 -4.10 -9.87 20.85
C VAL A 53 -4.36 -8.85 19.75
N VAL A 54 -5.46 -8.12 19.83
CA VAL A 54 -5.78 -7.03 18.90
C VAL A 54 -4.63 -6.01 18.91
N GLU A 55 -4.12 -5.64 20.07
CA GLU A 55 -3.01 -4.64 20.11
C GLU A 55 -1.83 -5.14 19.27
N LYS A 56 -1.49 -6.43 19.39
CA LYS A 56 -0.36 -7.01 18.64
C LYS A 56 -0.70 -7.05 17.15
N LEU A 57 -1.94 -7.37 16.81
CA LEU A 57 -2.29 -7.65 15.40
C LEU A 57 -2.57 -6.34 14.66
N PHE A 58 -3.02 -5.31 15.38
CA PHE A 58 -3.67 -4.15 14.74
C PHE A 58 -2.95 -2.83 15.03
N ALA A 59 -2.28 -2.76 16.18
CA ALA A 59 -1.86 -1.47 16.79
C ALA A 59 -0.47 -1.55 17.41
N SER A 60 0.45 -2.31 16.82
CA SER A 60 1.84 -2.38 17.30
C SER A 60 2.86 -1.91 16.26
N GLU A 61 2.46 -1.46 15.08
CA GLU A 61 3.44 -0.93 14.10
C GLU A 61 3.99 0.40 14.61
N THR A 62 5.20 0.74 14.16
CA THR A 62 5.84 2.06 14.37
C THR A 62 5.99 2.76 13.02
N GLY A 63 6.22 4.07 13.07
CA GLY A 63 6.33 4.93 11.88
C GLY A 63 4.95 5.17 11.29
N TYR A 64 4.91 6.01 10.25
CA TYR A 64 3.68 6.30 9.48
C TYR A 64 3.12 4.99 8.94
N GLN A 65 1.79 4.83 8.98
CA GLN A 65 1.17 3.55 8.56
C GLN A 65 0.84 3.63 7.08
N THR A 66 1.43 2.72 6.31
CA THR A 66 1.07 2.50 4.91
C THR A 66 0.51 1.08 4.80
N PRO A 67 -0.17 0.75 3.71
CA PRO A 67 -0.56 -0.63 3.43
C PRO A 67 0.66 -1.56 3.52
N LYS A 68 0.42 -2.80 3.92
CA LYS A 68 1.43 -3.90 3.95
C LYS A 68 1.68 -4.39 2.52
N VAL A 69 2.85 -4.97 2.28
CA VAL A 69 3.24 -5.46 0.93
C VAL A 69 3.30 -6.98 0.94
N ASP A 70 2.50 -7.57 0.06
CA ASP A 70 2.58 -9.00 -0.35
C ASP A 70 3.22 -9.10 -1.75
N ILE A 71 4.08 -10.10 -1.94
CA ILE A 71 4.76 -10.43 -3.23
C ILE A 71 4.25 -11.79 -3.73
N ARG A 72 3.85 -11.86 -5.00
CA ARG A 72 3.51 -13.13 -5.70
C ARG A 72 4.42 -13.27 -6.93
N ALA A 73 5.12 -14.39 -7.03
CA ALA A 73 5.94 -14.79 -8.20
C ALA A 73 5.10 -15.54 -9.24
N VAL A 74 5.24 -15.10 -10.48
CA VAL A 74 4.46 -15.56 -11.65
C VAL A 74 5.43 -16.27 -12.59
N VAL A 75 5.37 -17.60 -12.57
CA VAL A 75 6.33 -18.46 -13.28
C VAL A 75 5.56 -19.38 -14.21
N PHE A 76 5.80 -19.28 -15.50
CA PHE A 76 5.13 -20.16 -16.50
C PHE A 76 6.11 -21.22 -17.01
N GLN A 77 5.54 -22.34 -17.42
CA GLN A 77 6.19 -23.45 -18.14
C GLN A 77 5.14 -24.09 -19.04
N ASN A 78 5.37 -24.03 -20.36
CA ASN A 78 4.52 -24.71 -21.36
C ASN A 78 3.10 -24.20 -21.17
N GLU A 79 2.98 -22.88 -20.96
CA GLU A 79 1.71 -22.13 -20.82
C GLU A 79 0.93 -22.56 -19.57
N LYS A 80 1.60 -23.17 -18.58
CA LYS A 80 0.99 -23.49 -17.27
C LYS A 80 1.67 -22.68 -16.16
N LEU A 81 0.87 -22.26 -15.18
CA LEU A 81 1.30 -21.31 -14.15
C LEU A 81 1.62 -22.10 -12.88
N LEU A 82 2.70 -21.73 -12.22
CA LEU A 82 3.22 -22.48 -11.04
C LEU A 82 2.45 -22.11 -9.77
N PHE A 83 1.93 -23.13 -9.10
CA PHE A 83 1.16 -22.99 -7.84
C PHE A 83 1.73 -23.94 -6.80
N VAL A 84 1.58 -23.55 -5.54
CA VAL A 84 2.06 -24.32 -4.37
C VAL A 84 0.86 -24.52 -3.43
N LYS A 85 0.74 -25.71 -2.87
CA LYS A 85 -0.34 -26.05 -1.92
C LYS A 85 0.21 -26.07 -0.49
N GLU A 86 -0.41 -25.33 0.41
CA GLU A 86 -0.08 -25.44 1.85
C GLU A 86 -0.66 -26.71 2.43
N LYS A 87 0.17 -27.39 3.19
CA LYS A 87 -0.23 -28.64 3.86
C LYS A 87 -1.42 -28.33 4.79
N SER A 88 -1.35 -27.28 5.63
CA SER A 88 -2.39 -27.11 6.69
C SER A 88 -3.77 -26.77 6.10
N ASP A 89 -3.89 -25.81 5.19
CA ASP A 89 -5.23 -25.39 4.71
C ASP A 89 -5.61 -26.10 3.41
N GLY A 90 -4.67 -26.79 2.75
CA GLY A 90 -5.00 -27.58 1.55
C GLY A 90 -5.28 -26.74 0.32
N LYS A 91 -5.02 -25.43 0.36
CA LYS A 91 -5.38 -24.53 -0.75
C LYS A 91 -4.13 -24.07 -1.51
N TRP A 92 -4.34 -23.55 -2.70
CA TRP A 92 -3.26 -23.30 -3.66
C TRP A 92 -3.10 -21.81 -3.96
N ALA A 93 -1.86 -21.43 -4.23
CA ALA A 93 -1.51 -20.04 -4.52
C ALA A 93 -0.17 -19.99 -5.26
N LEU A 94 0.10 -18.84 -5.88
CA LEU A 94 1.41 -18.56 -6.48
C LEU A 94 2.39 -18.52 -5.33
N PRO A 95 3.64 -18.94 -5.54
CA PRO A 95 4.66 -18.74 -4.50
C PRO A 95 4.71 -17.26 -4.10
N GLY A 96 4.99 -17.01 -2.83
CA GLY A 96 5.07 -15.63 -2.36
C GLY A 96 4.70 -15.52 -0.90
N GLY A 97 4.33 -14.31 -0.48
CA GLY A 97 4.18 -13.96 0.94
C GLY A 97 4.56 -12.53 1.23
N TRP A 98 4.51 -12.19 2.51
CA TRP A 98 4.83 -10.84 3.02
C TRP A 98 6.22 -10.44 2.55
N ALA A 99 6.39 -9.20 2.17
CA ALA A 99 7.73 -8.67 1.86
C ALA A 99 8.51 -8.53 3.16
N ASP A 100 9.69 -9.14 3.21
CA ASP A 100 10.55 -9.11 4.40
C ASP A 100 11.29 -7.78 4.45
N VAL A 101 11.31 -7.14 5.61
CA VAL A 101 12.12 -5.92 5.83
C VAL A 101 13.58 -6.28 5.55
N GLY A 102 14.31 -5.43 4.84
CA GLY A 102 15.72 -5.65 4.51
C GLY A 102 15.91 -6.34 3.17
N TYR A 103 14.84 -6.74 2.50
CA TYR A 103 14.91 -7.38 1.16
C TYR A 103 14.20 -6.52 0.14
N THR A 104 14.70 -6.52 -1.09
CA THR A 104 14.03 -5.83 -2.21
C THR A 104 12.91 -6.75 -2.68
N PRO A 105 11.98 -6.21 -3.48
CA PRO A 105 10.88 -7.02 -3.97
C PRO A 105 11.31 -8.26 -4.76
N THR A 106 12.34 -8.15 -5.62
CA THR A 106 12.76 -9.32 -6.42
C THR A 106 13.48 -10.30 -5.49
N GLU A 107 14.13 -9.84 -4.43
CA GLU A 107 14.82 -10.74 -3.46
C GLU A 107 13.76 -11.54 -2.71
N VAL A 108 12.63 -10.90 -2.41
CA VAL A 108 11.50 -11.60 -1.74
C VAL A 108 10.98 -12.68 -2.69
N ALA A 109 10.72 -12.33 -3.95
CA ALA A 109 10.21 -13.29 -4.94
C ALA A 109 11.18 -14.47 -5.04
N ALA A 110 12.48 -14.22 -5.20
CA ALA A 110 13.48 -15.28 -5.38
C ALA A 110 13.49 -16.20 -4.15
N LYS A 111 13.50 -15.60 -2.97
CA LYS A 111 13.60 -16.35 -1.68
C LYS A 111 12.33 -17.16 -1.49
N GLU A 112 11.16 -16.61 -1.76
CA GLU A 112 9.87 -17.33 -1.54
C GLU A 112 9.76 -18.49 -2.52
N VAL A 113 10.10 -18.27 -3.77
CA VAL A 113 10.10 -19.37 -4.78
C VAL A 113 11.08 -20.46 -4.31
N PHE A 114 12.27 -20.09 -3.90
CA PHE A 114 13.29 -21.14 -3.54
C PHE A 114 12.79 -21.97 -2.36
N GLU A 115 12.29 -21.30 -1.32
CA GLU A 115 11.85 -21.95 -0.05
C GLU A 115 10.62 -22.82 -0.29
N GLU A 116 9.69 -22.39 -1.14
CA GLU A 116 8.39 -23.09 -1.28
C GLU A 116 8.47 -24.16 -2.38
N THR A 117 9.41 -24.06 -3.33
CA THR A 117 9.31 -24.90 -4.57
C THR A 117 10.61 -25.60 -4.89
N GLY A 118 11.75 -25.08 -4.45
CA GLY A 118 13.07 -25.66 -4.76
C GLY A 118 13.72 -25.00 -5.97
N TYR A 119 12.97 -24.17 -6.70
CA TYR A 119 13.50 -23.59 -7.96
C TYR A 119 14.31 -22.32 -7.68
N GLU A 120 15.38 -22.14 -8.45
CA GLU A 120 16.11 -20.86 -8.57
C GLU A 120 15.43 -20.04 -9.67
N VAL A 121 15.24 -18.76 -9.47
CA VAL A 121 14.59 -17.87 -10.49
C VAL A 121 15.39 -16.57 -10.60
N ASP A 122 15.32 -15.96 -11.79
CA ASP A 122 15.84 -14.61 -12.06
C ASP A 122 15.05 -14.00 -13.23
N HIS A 123 15.58 -12.96 -13.86
CA HIS A 123 14.96 -12.29 -15.04
C HIS A 123 13.60 -11.74 -14.62
N PHE A 124 13.59 -10.88 -13.62
CA PHE A 124 12.34 -10.38 -12.98
C PHE A 124 11.66 -9.35 -13.87
N LYS A 125 10.35 -9.41 -13.93
CA LYS A 125 9.52 -8.43 -14.67
C LYS A 125 8.43 -7.91 -13.75
N LEU A 126 8.21 -6.60 -13.77
CA LEU A 126 7.12 -5.99 -13.01
C LEU A 126 5.79 -6.21 -13.75
N LEU A 127 4.85 -6.94 -13.16
CA LEU A 127 3.61 -7.27 -13.91
C LEU A 127 2.41 -6.42 -13.45
N ALA A 128 2.22 -6.21 -12.17
CA ALA A 128 0.98 -5.62 -11.62
C ALA A 128 1.13 -5.27 -10.16
N ILE A 129 0.32 -4.32 -9.71
CA ILE A 129 0.06 -4.08 -8.26
C ILE A 129 -1.44 -4.03 -8.05
N PHE A 130 -1.98 -5.01 -7.34
CA PHE A 130 -3.41 -5.08 -6.99
C PHE A 130 -3.62 -4.56 -5.57
N ASP A 131 -4.76 -3.90 -5.37
CA ASP A 131 -5.19 -3.46 -4.03
C ASP A 131 -6.09 -4.57 -3.50
N LYS A 132 -5.62 -5.30 -2.50
CA LYS A 132 -6.36 -6.48 -1.97
C LYS A 132 -7.79 -6.07 -1.55
N GLU A 133 -8.02 -4.84 -1.11
CA GLU A 133 -9.32 -4.41 -0.54
C GLU A 133 -10.32 -4.03 -1.64
N LYS A 134 -9.85 -3.73 -2.84
CA LYS A 134 -10.68 -3.07 -3.88
C LYS A 134 -11.96 -3.87 -4.15
N HIS A 135 -11.86 -5.17 -4.35
CA HIS A 135 -13.08 -6.03 -4.51
C HIS A 135 -13.03 -7.19 -3.51
N GLN A 136 -12.59 -6.93 -2.28
CA GLN A 136 -12.30 -8.01 -1.29
C GLN A 136 -13.60 -8.74 -1.00
N PRO A 137 -13.59 -10.10 -0.86
CA PRO A 137 -14.79 -10.85 -0.52
C PRO A 137 -15.35 -10.45 0.85
N SER A 138 -14.46 -10.35 1.84
CA SER A 138 -14.77 -10.10 3.27
C SER A 138 -14.07 -8.83 3.74
N PRO A 139 -14.53 -8.22 4.86
CA PRO A 139 -13.83 -7.07 5.45
C PRO A 139 -12.46 -7.50 6.03
N SER A 140 -11.48 -6.59 6.02
CA SER A 140 -10.13 -6.90 6.58
C SER A 140 -9.70 -5.83 7.58
N ALA A 141 -8.93 -6.26 8.60
CA ALA A 141 -8.36 -5.38 9.64
C ALA A 141 -7.17 -4.61 9.09
N THR A 142 -6.64 -5.06 7.97
CA THR A 142 -5.35 -4.62 7.39
C THR A 142 -5.57 -4.26 5.92
N HIS A 143 -4.74 -3.35 5.40
CA HIS A 143 -4.75 -2.95 3.98
C HIS A 143 -3.48 -3.47 3.32
N VAL A 144 -3.64 -4.17 2.21
CA VAL A 144 -2.53 -4.89 1.55
C VAL A 144 -2.46 -4.46 0.09
N TYR A 145 -1.26 -4.14 -0.39
CA TYR A 145 -0.93 -4.02 -1.83
C TYR A 145 -0.18 -5.29 -2.24
N LYS A 146 -0.55 -5.88 -3.38
CA LYS A 146 0.02 -7.14 -3.88
C LYS A 146 0.79 -6.87 -5.16
N ILE A 147 2.10 -7.09 -5.12
CA ILE A 147 3.02 -6.90 -6.28
C ILE A 147 3.26 -8.27 -6.92
N PHE A 148 2.92 -8.37 -8.19
CA PHE A 148 3.08 -9.60 -9.00
C PHE A 148 4.33 -9.41 -9.84
N ILE A 149 5.27 -10.32 -9.65
CA ILE A 149 6.60 -10.31 -10.30
C ILE A 149 6.75 -11.58 -11.13
N GLY A 150 6.94 -11.42 -12.42
CA GLY A 150 7.21 -12.53 -13.35
C GLY A 150 8.65 -12.95 -13.20
N CYS A 151 8.93 -14.25 -13.22
CA CYS A 151 10.32 -14.77 -13.15
C CYS A 151 10.51 -15.96 -14.07
N GLU A 152 11.78 -16.23 -14.41
CA GLU A 152 12.18 -17.42 -15.20
C GLU A 152 12.89 -18.42 -14.29
N ILE A 153 12.51 -19.69 -14.33
CA ILE A 153 13.28 -20.80 -13.67
C ILE A 153 14.63 -20.98 -14.39
N ILE A 154 15.72 -20.84 -13.66
CA ILE A 154 17.10 -20.95 -14.22
C ILE A 154 17.86 -22.06 -13.49
N GLY A 155 17.23 -22.77 -12.55
CA GLY A 155 17.98 -23.82 -11.84
C GLY A 155 17.20 -24.38 -10.67
N GLY A 156 17.91 -25.11 -9.82
CA GLY A 156 17.32 -25.88 -8.72
C GLY A 156 16.40 -26.97 -9.25
N GLU A 157 15.57 -27.52 -8.38
CA GLU A 157 14.68 -28.68 -8.69
C GLU A 157 13.46 -28.63 -7.79
N LYS A 158 12.34 -29.13 -8.28
CA LYS A 158 11.05 -29.21 -7.56
C LYS A 158 11.28 -29.93 -6.23
N LYS A 159 10.86 -29.32 -5.13
CA LYS A 159 11.06 -29.85 -3.76
C LYS A 159 9.95 -29.36 -2.82
N THR A 160 9.25 -30.31 -2.18
CA THR A 160 8.19 -30.08 -1.17
C THR A 160 8.82 -29.98 0.22
N SER A 161 8.05 -29.52 1.21
CA SER A 161 8.55 -29.26 2.59
C SER A 161 7.41 -29.45 3.58
N ILE A 162 7.69 -29.16 4.85
CA ILE A 162 6.70 -29.16 5.97
C ILE A 162 5.47 -28.32 5.57
N GLU A 163 5.67 -27.02 5.33
CA GLU A 163 4.63 -26.04 4.93
C GLU A 163 3.99 -26.48 3.61
N THR A 164 4.83 -26.87 2.64
CA THR A 164 4.44 -26.96 1.21
C THR A 164 4.29 -28.42 0.79
N GLU A 165 3.05 -28.89 0.64
CA GLU A 165 2.78 -30.32 0.38
C GLU A 165 2.93 -30.62 -1.12
N GLU A 166 2.58 -29.67 -2.01
CA GLU A 166 2.58 -29.95 -3.47
C GLU A 166 3.06 -28.73 -4.25
N VAL A 167 3.81 -29.00 -5.30
CA VAL A 167 4.27 -27.97 -6.25
C VAL A 167 3.88 -28.43 -7.64
N GLU A 168 3.01 -27.70 -8.33
CA GLU A 168 2.53 -28.16 -9.67
C GLU A 168 2.23 -26.97 -10.57
N PHE A 169 2.39 -27.15 -11.87
CA PHE A 169 1.95 -26.20 -12.90
C PHE A 169 0.53 -26.53 -13.32
N PHE A 170 -0.27 -25.50 -13.57
CA PHE A 170 -1.68 -25.69 -14.00
C PHE A 170 -2.02 -24.73 -15.14
N GLY A 171 -2.72 -25.28 -16.12
CA GLY A 171 -3.31 -24.51 -17.23
C GLY A 171 -4.52 -23.76 -16.76
N GLU A 172 -4.93 -22.78 -17.53
CA GLU A 172 -5.96 -21.83 -17.10
C GLU A 172 -7.34 -22.50 -17.10
N ASN A 173 -7.55 -23.60 -17.80
N ASN A 173 -7.49 -23.60 -17.84
CA ASN A 173 -8.85 -24.33 -17.76
CA ASN A 173 -8.69 -24.49 -17.93
C ASN A 173 -8.73 -25.57 -16.85
C ASN A 173 -8.83 -25.36 -16.67
N GLU A 174 -7.72 -25.60 -15.96
CA GLU A 174 -7.62 -26.64 -14.90
C GLU A 174 -7.08 -26.05 -13.58
N LEU A 175 -7.61 -24.91 -13.15
CA LEU A 175 -7.11 -24.26 -11.92
C LEU A 175 -7.46 -25.11 -10.71
N PRO A 176 -6.54 -25.23 -9.73
CA PRO A 176 -6.81 -25.96 -8.50
C PRO A 176 -7.63 -25.08 -7.54
N ASN A 177 -7.95 -25.62 -6.36
CA ASN A 177 -8.69 -24.88 -5.31
C ASN A 177 -7.83 -23.72 -4.81
N LEU A 178 -8.21 -22.49 -5.14
CA LEU A 178 -7.40 -21.31 -4.82
C LEU A 178 -7.59 -20.88 -3.38
N SER A 179 -6.49 -20.53 -2.73
CA SER A 179 -6.54 -19.70 -1.51
C SER A 179 -6.88 -18.27 -1.92
N ILE A 180 -8.13 -17.84 -1.74
CA ILE A 180 -8.59 -16.48 -2.16
C ILE A 180 -7.86 -15.42 -1.33
N ALA A 181 -7.48 -15.73 -0.10
CA ALA A 181 -6.63 -14.85 0.73
C ALA A 181 -5.27 -14.61 0.04
N ARG A 182 -4.68 -15.62 -0.60
CA ARG A 182 -3.34 -15.46 -1.22
C ARG A 182 -3.44 -14.98 -2.69
N ASN A 183 -4.47 -15.37 -3.44
CA ASN A 183 -4.67 -14.93 -4.84
C ASN A 183 -6.13 -15.12 -5.27
N THR A 184 -6.68 -14.10 -5.92
CA THR A 184 -8.08 -14.17 -6.46
C THR A 184 -8.06 -14.77 -7.86
N GLU A 185 -9.22 -15.28 -8.28
CA GLU A 185 -9.41 -15.79 -9.67
C GLU A 185 -9.09 -14.70 -10.68
N ASP A 186 -9.53 -13.48 -10.40
CA ASP A 186 -9.33 -12.34 -11.31
C ASP A 186 -7.84 -12.00 -11.40
N GLN A 187 -7.08 -12.09 -10.32
CA GLN A 187 -5.59 -11.89 -10.38
C GLN A 187 -4.98 -12.99 -11.25
N ILE A 188 -5.44 -14.23 -11.08
CA ILE A 188 -4.90 -15.34 -11.92
C ILE A 188 -5.24 -15.09 -13.40
N LYS A 189 -6.49 -14.71 -13.71
CA LYS A 189 -6.88 -14.45 -15.12
C LYS A 189 -5.99 -13.36 -15.72
N GLU A 190 -5.70 -12.33 -14.95
CA GLU A 190 -4.81 -11.25 -15.43
C GLU A 190 -3.41 -11.80 -15.75
N MET A 191 -2.93 -12.78 -14.99
CA MET A 191 -1.56 -13.29 -15.25
C MET A 191 -1.59 -14.12 -16.54
N PHE A 192 -2.67 -14.87 -16.81
CA PHE A 192 -2.76 -15.63 -18.07
C PHE A 192 -2.91 -14.64 -19.24
N ALA A 193 -3.55 -13.50 -19.04
CA ALA A 193 -3.63 -12.47 -20.12
C ALA A 193 -2.21 -11.96 -20.41
N TYR A 194 -1.40 -11.75 -19.38
CA TYR A 194 -0.01 -11.31 -19.59
C TYR A 194 0.76 -12.39 -20.36
N MET A 195 0.61 -13.65 -19.96
CA MET A 195 1.33 -14.74 -20.63
C MET A 195 0.99 -14.71 -22.12
N LYS A 196 -0.27 -14.47 -22.48
CA LYS A 196 -0.67 -14.48 -23.90
C LYS A 196 -0.16 -13.22 -24.62
N ASP A 197 -0.10 -12.07 -23.96
CA ASP A 197 0.36 -10.80 -24.58
C ASP A 197 1.30 -10.08 -23.62
N PRO A 198 2.60 -10.45 -23.57
CA PRO A 198 3.50 -9.90 -22.58
C PRO A 198 3.85 -8.41 -22.73
N GLN A 199 3.43 -7.78 -23.83
CA GLN A 199 3.66 -6.34 -24.07
C GLN A 199 2.42 -5.55 -23.60
N LYS A 200 1.43 -6.21 -23.01
CA LYS A 200 0.19 -5.51 -22.60
C LYS A 200 0.52 -4.54 -21.47
N GLU A 201 -0.35 -3.55 -21.31
CA GLU A 201 -0.31 -2.58 -20.20
C GLU A 201 -0.34 -3.31 -18.86
N LYS A 202 0.45 -2.81 -17.91
CA LYS A 202 0.57 -3.37 -16.53
C LYS A 202 -0.61 -2.89 -15.70
N LEU A 203 -1.30 -3.81 -15.03
CA LEU A 203 -2.42 -3.47 -14.14
C LEU A 203 -1.88 -2.81 -12.87
N ILE A 204 -2.40 -1.63 -12.56
CA ILE A 204 -2.17 -1.00 -11.24
C ILE A 204 -3.51 -0.50 -10.71
N ASP A 205 -3.94 -0.97 -9.54
CA ASP A 205 -5.22 -0.50 -8.95
C ASP A 205 -5.05 0.95 -8.45
N THR B 2 -24.31 -2.45 25.74
CA THR B 2 -25.24 -1.27 25.83
C THR B 2 -24.91 -0.29 24.71
N ILE B 3 -24.82 -0.78 23.46
CA ILE B 3 -24.29 -0.07 22.26
C ILE B 3 -23.04 0.74 22.65
N LYS B 4 -21.90 0.08 22.62
CA LYS B 4 -20.63 0.65 23.13
C LYS B 4 -20.00 1.58 22.11
N TRP B 5 -20.33 1.47 20.84
CA TRP B 5 -19.66 2.30 19.81
C TRP B 5 -19.98 3.78 20.05
N ILE B 6 -21.15 4.09 20.61
CA ILE B 6 -21.61 5.51 20.74
C ILE B 6 -20.69 6.27 21.70
N ASP B 7 -20.41 5.71 22.85
CA ASP B 7 -19.51 6.35 23.85
C ASP B 7 -18.08 6.41 23.33
N TRP B 8 -17.63 5.42 22.56
CA TRP B 8 -16.24 5.40 22.04
C TRP B 8 -16.10 6.50 20.98
N VAL B 9 -17.07 6.63 20.07
CA VAL B 9 -17.07 7.70 19.04
C VAL B 9 -17.16 9.08 19.73
N LYS B 10 -17.96 9.21 20.80
CA LYS B 10 -18.08 10.50 21.54
C LYS B 10 -16.73 10.85 22.18
N GLN B 11 -16.03 9.88 22.73
CA GLN B 11 -14.66 10.04 23.28
C GLN B 11 -13.68 10.48 22.19
N ILE B 12 -13.73 9.87 21.01
CA ILE B 12 -12.84 10.21 19.88
C ILE B 12 -13.07 11.68 19.50
N GLN B 13 -14.35 12.04 19.37
CA GLN B 13 -14.78 13.43 19.04
C GLN B 13 -14.20 14.41 20.08
N SER B 14 -14.41 14.15 21.36
CA SER B 14 -14.02 15.11 22.40
C SER B 14 -12.47 15.21 22.45
N ILE B 15 -11.76 14.10 22.28
CA ILE B 15 -10.27 14.15 22.22
C ILE B 15 -9.84 14.99 21.01
N ALA B 16 -10.47 14.76 19.86
CA ALA B 16 -10.07 15.42 18.59
C ALA B 16 -10.31 16.92 18.70
N GLN B 17 -11.44 17.31 19.30
CA GLN B 17 -11.80 18.74 19.45
C GLN B 17 -10.76 19.42 20.36
N ALA B 18 -10.37 18.77 21.44
CA ALA B 18 -9.34 19.34 22.34
C ALA B 18 -8.04 19.48 21.55
N GLY B 19 -7.63 18.42 20.86
CA GLY B 19 -6.37 18.47 20.06
C GLY B 19 -6.41 19.61 19.06
N LEU B 20 -7.55 19.76 18.41
CA LEU B 20 -7.77 20.79 17.37
C LEU B 20 -7.70 22.18 18.00
N THR B 21 -8.22 22.36 19.21
CA THR B 21 -8.18 23.68 19.88
C THR B 21 -6.76 24.01 20.36
N TYR B 22 -6.05 23.05 20.94
CA TYR B 22 -4.83 23.38 21.71
C TYR B 22 -3.56 23.18 20.89
N SER B 23 -3.54 22.44 19.78
CA SER B 23 -2.27 22.17 19.04
C SER B 23 -1.79 23.46 18.36
N LYS B 24 -0.48 23.65 18.34
CA LYS B 24 0.20 24.75 17.58
C LYS B 24 0.94 24.17 16.36
N ASP B 25 1.09 22.86 16.27
CA ASP B 25 1.84 22.24 15.16
C ASP B 25 0.87 21.96 14.01
N VAL B 26 1.20 22.46 12.82
CA VAL B 26 0.34 22.36 11.60
C VAL B 26 -0.03 20.89 11.31
N TYR B 27 0.90 19.96 11.53
CA TYR B 27 0.67 18.54 11.18
C TYR B 27 -0.22 17.89 12.25
N ASP B 28 -0.09 18.33 13.51
CA ASP B 28 -0.94 17.83 14.62
C ASP B 28 -2.37 18.29 14.35
N ILE B 29 -2.53 19.55 13.95
CA ILE B 29 -3.87 20.13 13.64
C ILE B 29 -4.53 19.32 12.52
N GLU B 30 -3.79 18.99 11.48
CA GLU B 30 -4.31 18.21 10.35
C GLU B 30 -4.72 16.81 10.83
N ARG B 31 -3.94 16.16 11.69
CA ARG B 31 -4.34 14.83 12.23
C ARG B 31 -5.64 14.97 13.01
N PHE B 32 -5.75 15.96 13.89
CA PHE B 32 -6.99 16.12 14.71
C PHE B 32 -8.20 16.48 13.81
N GLN B 33 -7.96 17.23 12.73
CA GLN B 33 -9.00 17.56 11.71
C GLN B 33 -9.44 16.28 10.99
N GLN B 34 -8.51 15.40 10.60
CA GLN B 34 -8.86 14.09 10.01
C GLN B 34 -9.72 13.30 11.01
N LEU B 35 -9.36 13.27 12.29
CA LEU B 35 -10.11 12.45 13.30
C LEU B 35 -11.53 13.01 13.54
N ARG B 36 -11.65 14.32 13.61
CA ARG B 36 -12.94 15.03 13.73
C ARG B 36 -13.81 14.64 12.54
N ASP B 37 -13.26 14.71 11.33
CA ASP B 37 -14.00 14.40 10.07
C ASP B 37 -14.51 12.95 10.10
N ILE B 38 -13.69 12.00 10.54
CA ILE B 38 -14.11 10.59 10.62
C ILE B 38 -15.24 10.44 11.64
N SER B 39 -15.13 11.08 12.79
CA SER B 39 -16.09 10.89 13.91
C SER B 39 -17.46 11.44 13.52
N ILE B 40 -17.46 12.51 12.71
CA ILE B 40 -18.72 13.11 12.17
C ILE B 40 -19.38 12.08 11.27
N SER B 41 -18.60 11.51 10.36
CA SER B 41 -19.06 10.51 9.39
C SER B 41 -19.62 9.29 10.13
N MET B 42 -18.96 8.86 11.20
CA MET B 42 -19.42 7.67 11.97
C MET B 42 -20.79 7.96 12.60
N MET B 43 -20.91 9.10 13.30
CA MET B 43 -22.14 9.47 14.05
C MET B 43 -23.31 9.65 13.08
N SER B 44 -23.07 9.99 11.82
CA SER B 44 -24.18 10.24 10.86
C SER B 44 -24.69 8.91 10.28
N HIS B 45 -24.24 7.77 10.82
CA HIS B 45 -24.70 6.41 10.42
C HIS B 45 -25.20 5.63 11.65
N TYR B 46 -25.70 4.42 11.41
CA TYR B 46 -26.15 3.45 12.45
C TYR B 46 -27.08 4.15 13.47
N THR B 47 -28.02 4.97 12.99
CA THR B 47 -28.97 5.74 13.85
C THR B 47 -29.35 4.92 15.09
N LYS B 48 -30.17 3.87 14.94
CA LYS B 48 -30.70 3.12 16.12
C LYS B 48 -29.78 1.94 16.50
N THR B 49 -29.13 1.33 15.52
CA THR B 49 -28.58 -0.04 15.64
C THR B 49 -27.15 -0.06 16.22
N ASP B 50 -26.73 -1.23 16.69
CA ASP B 50 -25.33 -1.53 17.02
C ASP B 50 -24.55 -1.86 15.75
N TRP B 51 -23.24 -1.83 15.88
CA TRP B 51 -22.32 -2.24 14.80
C TRP B 51 -22.43 -3.75 14.62
N GLU B 52 -22.21 -4.23 13.40
CA GLU B 52 -22.17 -5.68 13.08
C GLU B 52 -20.98 -6.32 13.79
N VAL B 53 -21.20 -7.41 14.52
CA VAL B 53 -20.08 -8.24 15.06
C VAL B 53 -19.41 -8.97 13.89
N VAL B 54 -18.08 -8.94 13.85
CA VAL B 54 -17.30 -9.58 12.76
C VAL B 54 -16.25 -10.45 13.44
N GLU B 55 -16.67 -11.63 13.89
CA GLU B 55 -15.84 -12.50 14.78
C GLU B 55 -14.66 -13.14 14.02
N LYS B 56 -14.65 -13.15 12.69
CA LYS B 56 -13.57 -13.81 11.93
C LYS B 56 -12.53 -12.80 11.43
N LEU B 57 -12.68 -11.54 11.76
CA LEU B 57 -11.82 -10.49 11.15
C LEU B 57 -10.34 -10.79 11.38
N PHE B 58 -9.92 -11.33 12.53
CA PHE B 58 -8.48 -11.52 12.84
C PHE B 58 -8.01 -12.98 12.70
N ALA B 59 -8.82 -13.84 12.08
CA ALA B 59 -8.56 -15.30 11.99
C ALA B 59 -7.17 -15.58 11.38
N SER B 60 -6.86 -14.96 10.22
CA SER B 60 -5.61 -15.16 9.44
C SER B 60 -4.60 -14.00 9.62
N GLU B 61 -4.76 -13.17 10.64
CA GLU B 61 -3.90 -12.00 10.90
C GLU B 61 -2.75 -12.42 11.83
N THR B 62 -1.52 -11.97 11.56
CA THR B 62 -0.34 -12.31 12.41
C THR B 62 0.45 -11.08 12.87
N GLY B 63 0.11 -9.87 12.46
CA GLY B 63 0.83 -8.70 12.99
C GLY B 63 2.19 -8.56 12.35
N TYR B 64 2.39 -9.18 11.20
CA TYR B 64 3.65 -9.15 10.43
C TYR B 64 3.88 -7.76 9.83
N GLN B 65 5.09 -7.22 9.97
CA GLN B 65 5.41 -5.87 9.45
C GLN B 65 6.25 -6.02 8.18
N THR B 66 5.98 -5.16 7.20
CA THR B 66 6.66 -5.18 5.88
C THR B 66 7.28 -3.80 5.66
N PRO B 67 8.05 -3.56 4.54
CA PRO B 67 8.53 -2.27 4.01
C PRO B 67 7.30 -1.36 3.99
N LYS B 68 7.53 -0.09 4.23
CA LYS B 68 6.53 0.98 3.98
C LYS B 68 6.48 1.26 2.48
N VAL B 69 5.36 1.81 2.04
CA VAL B 69 5.13 2.21 0.63
C VAL B 69 5.07 3.74 0.55
N ASP B 70 5.99 4.29 -0.23
CA ASP B 70 5.98 5.69 -0.73
C ASP B 70 5.53 5.67 -2.19
N ILE B 71 4.70 6.63 -2.58
CA ILE B 71 4.26 6.77 -3.99
C ILE B 71 4.71 8.11 -4.55
N ARG B 72 5.25 8.08 -5.78
CA ARG B 72 5.67 9.32 -6.49
C ARG B 72 4.92 9.38 -7.81
N ALA B 73 4.21 10.47 -8.04
CA ALA B 73 3.47 10.71 -9.29
C ALA B 73 4.40 11.36 -10.30
N VAL B 74 4.39 10.82 -11.51
CA VAL B 74 5.32 11.20 -12.59
C VAL B 74 4.48 11.85 -13.70
N VAL B 75 4.45 13.17 -13.73
CA VAL B 75 3.49 13.94 -14.57
C VAL B 75 4.30 14.79 -15.57
N PHE B 76 4.20 14.47 -16.85
CA PHE B 76 4.88 15.21 -17.95
C PHE B 76 3.89 16.20 -18.60
N GLN B 77 4.46 17.34 -19.01
CA GLN B 77 3.82 18.32 -19.92
C GLN B 77 4.86 18.73 -20.98
N ASN B 78 4.65 18.31 -22.23
CA ASN B 78 5.59 18.58 -23.36
C ASN B 78 7.03 18.44 -22.87
N GLU B 79 7.39 17.25 -22.37
CA GLU B 79 8.78 16.80 -22.08
C GLU B 79 9.34 17.46 -20.82
N LYS B 80 8.50 18.10 -20.02
CA LYS B 80 8.92 18.71 -18.72
C LYS B 80 8.21 17.96 -17.58
N LEU B 81 8.95 17.71 -16.50
CA LEU B 81 8.48 16.89 -15.34
C LEU B 81 8.02 17.82 -14.21
N LEU B 82 6.85 17.52 -13.64
CA LEU B 82 6.26 18.29 -12.51
C LEU B 82 7.02 18.04 -11.20
N PHE B 83 7.61 19.09 -10.65
CA PHE B 83 8.19 19.08 -9.29
C PHE B 83 7.47 20.10 -8.40
N VAL B 84 7.80 20.01 -7.13
CA VAL B 84 7.12 20.71 -6.02
C VAL B 84 8.24 21.05 -5.04
N LYS B 85 8.31 22.31 -4.59
CA LYS B 85 9.32 22.70 -3.57
C LYS B 85 8.79 22.40 -2.18
N GLU B 86 9.55 21.66 -1.38
CA GLU B 86 9.10 21.12 -0.07
C GLU B 86 9.42 22.13 1.01
N LYS B 87 8.49 22.29 1.95
CA LYS B 87 8.66 23.19 3.11
C LYS B 87 9.78 22.64 4.01
N SER B 88 9.88 21.32 4.12
CA SER B 88 10.84 20.63 5.02
C SER B 88 12.28 21.09 4.77
N ASP B 89 12.76 21.08 3.52
CA ASP B 89 14.19 21.33 3.19
C ASP B 89 14.37 22.40 2.10
N GLY B 90 13.28 22.99 1.60
CA GLY B 90 13.31 23.97 0.49
C GLY B 90 13.80 23.36 -0.82
N LYS B 91 13.86 22.02 -0.91
CA LYS B 91 14.35 21.31 -2.11
C LYS B 91 13.14 20.73 -2.85
N TRP B 92 13.36 20.16 -4.04
CA TRP B 92 12.30 19.85 -5.01
C TRP B 92 12.05 18.33 -5.09
N ALA B 93 10.79 17.96 -5.33
CA ALA B 93 10.44 16.55 -5.53
C ALA B 93 9.15 16.40 -6.33
N LEU B 94 9.00 15.19 -6.88
CA LEU B 94 7.74 14.76 -7.48
C LEU B 94 6.69 14.78 -6.39
N PRO B 95 5.44 15.08 -6.77
CA PRO B 95 4.33 14.99 -5.82
C PRO B 95 4.24 13.53 -5.40
N GLY B 96 3.88 13.34 -4.14
CA GLY B 96 3.77 12.00 -3.56
C GLY B 96 3.88 12.01 -2.06
N GLY B 97 4.19 10.84 -1.51
CA GLY B 97 4.33 10.64 -0.07
C GLY B 97 3.89 9.25 0.31
N TRP B 98 3.79 9.03 1.62
CA TRP B 98 3.32 7.75 2.16
C TRP B 98 1.99 7.40 1.54
N ALA B 99 1.83 6.12 1.21
CA ALA B 99 0.54 5.56 0.77
C ALA B 99 -0.34 5.41 2.00
N ASP B 100 -1.59 5.86 1.91
CA ASP B 100 -2.48 5.88 3.09
C ASP B 100 -3.35 4.64 3.09
N VAL B 101 -3.57 4.13 4.28
CA VAL B 101 -4.59 3.09 4.54
C VAL B 101 -5.95 3.61 4.05
N GLY B 102 -6.64 2.81 3.24
CA GLY B 102 -7.95 3.15 2.67
C GLY B 102 -7.86 3.57 1.20
N TYR B 103 -6.67 3.63 0.59
CA TYR B 103 -6.48 4.17 -0.80
C TYR B 103 -5.70 3.16 -1.65
N THR B 104 -6.13 2.99 -2.90
CA THR B 104 -5.37 2.23 -3.92
C THR B 104 -4.14 3.04 -4.28
N PRO B 105 -3.12 2.42 -4.92
CA PRO B 105 -1.96 3.19 -5.37
C PRO B 105 -2.31 4.40 -6.28
N THR B 106 -3.22 4.22 -7.22
CA THR B 106 -3.56 5.33 -8.14
C THR B 106 -4.36 6.40 -7.39
N GLU B 107 -5.19 6.02 -6.42
CA GLU B 107 -5.91 7.06 -5.61
C GLU B 107 -4.89 7.89 -4.83
N VAL B 108 -3.85 7.23 -4.31
CA VAL B 108 -2.76 7.97 -3.62
C VAL B 108 -2.11 8.95 -4.59
N ALA B 109 -1.74 8.49 -5.78
CA ALA B 109 -1.08 9.36 -6.77
C ALA B 109 -1.97 10.59 -7.07
N ALA B 110 -3.25 10.37 -7.38
CA ALA B 110 -4.21 11.45 -7.74
C ALA B 110 -4.38 12.43 -6.56
N LYS B 111 -4.50 11.90 -5.34
CA LYS B 111 -4.66 12.69 -4.10
C LYS B 111 -3.42 13.57 -3.85
N GLU B 112 -2.22 13.00 -3.90
CA GLU B 112 -0.99 13.78 -3.60
C GLU B 112 -0.83 14.88 -4.64
N VAL B 113 -1.10 14.58 -5.91
CA VAL B 113 -0.97 15.58 -7.00
C VAL B 113 -1.99 16.71 -6.75
N PHE B 114 -3.24 16.38 -6.44
CA PHE B 114 -4.29 17.41 -6.21
C PHE B 114 -3.91 18.30 -5.02
N GLU B 115 -3.60 17.73 -3.85
CA GLU B 115 -3.30 18.52 -2.63
C GLU B 115 -2.02 19.32 -2.81
N GLU B 116 -0.98 18.78 -3.46
CA GLU B 116 0.30 19.53 -3.54
C GLU B 116 0.30 20.54 -4.71
N THR B 117 -0.53 20.40 -5.74
CA THR B 117 -0.39 21.23 -6.98
C THR B 117 -1.72 21.74 -7.53
N GLY B 118 -2.86 21.16 -7.15
CA GLY B 118 -4.16 21.61 -7.66
C GLY B 118 -4.56 20.95 -8.97
N TYR B 119 -3.67 20.20 -9.64
CA TYR B 119 -4.00 19.48 -10.90
C TYR B 119 -4.81 18.21 -10.57
N GLU B 120 -5.72 17.86 -11.47
CA GLU B 120 -6.41 16.56 -11.50
C GLU B 120 -5.79 15.69 -12.60
N VAL B 121 -5.45 14.45 -12.26
CA VAL B 121 -4.68 13.56 -13.18
C VAL B 121 -5.48 12.27 -13.38
N ASP B 122 -5.22 11.61 -14.50
CA ASP B 122 -5.76 10.28 -14.84
C ASP B 122 -4.75 9.58 -15.74
N HIS B 123 -5.15 8.49 -16.38
CA HIS B 123 -4.34 7.72 -17.35
C HIS B 123 -3.10 7.20 -16.63
N PHE B 124 -3.32 6.44 -15.56
CA PHE B 124 -2.22 6.01 -14.64
C PHE B 124 -1.41 4.92 -15.33
N LYS B 125 -0.10 4.97 -15.22
CA LYS B 125 0.78 3.89 -15.69
C LYS B 125 1.77 3.52 -14.58
N LEU B 126 1.97 2.23 -14.39
CA LEU B 126 2.99 1.70 -13.45
C LEU B 126 4.37 1.82 -14.11
N LEU B 127 5.31 2.57 -13.53
CA LEU B 127 6.63 2.80 -14.18
C LEU B 127 7.74 2.02 -13.48
N ALA B 128 7.76 1.98 -12.14
CA ALA B 128 8.91 1.39 -11.42
C ALA B 128 8.58 1.16 -9.97
N ILE B 129 9.31 0.23 -9.39
CA ILE B 129 9.41 0.14 -7.92
C ILE B 129 10.88 0.08 -7.56
N PHE B 130 11.32 1.06 -6.78
CA PHE B 130 12.70 1.12 -6.29
C PHE B 130 12.76 0.82 -4.81
N ASP B 131 13.92 0.34 -4.44
CA ASP B 131 14.37 0.10 -3.06
C ASP B 131 15.87 -0.12 -3.10
N LYS B 132 16.66 0.81 -2.57
CA LYS B 132 18.12 0.57 -2.38
C LYS B 132 18.37 0.19 -0.92
N GLU B 133 18.59 -1.10 -0.64
CA GLU B 133 18.65 -1.67 0.74
C GLU B 133 20.10 -1.64 1.27
N ALA B 141 17.41 1.38 8.94
CA ALA B 141 16.38 1.16 9.99
C ALA B 141 14.97 1.39 9.42
N THR B 142 14.82 2.29 8.44
CA THR B 142 13.55 2.50 7.67
C THR B 142 13.69 1.83 6.30
N HIS B 143 12.74 0.95 5.98
CA HIS B 143 12.70 0.14 4.74
C HIS B 143 11.48 0.54 3.93
N VAL B 144 11.76 0.95 2.69
CA VAL B 144 10.78 1.65 1.82
C VAL B 144 10.82 1.08 0.41
N TYR B 145 9.64 0.74 -0.10
CA TYR B 145 9.43 0.47 -1.54
C TYR B 145 8.79 1.71 -2.14
N LYS B 146 9.44 2.30 -3.13
CA LYS B 146 8.97 3.55 -3.78
CA LYS B 146 8.95 3.55 -3.76
C LYS B 146 8.37 3.23 -5.14
N ILE B 147 7.09 3.50 -5.30
CA ILE B 147 6.33 3.19 -6.52
C ILE B 147 6.17 4.47 -7.34
N PHE B 148 6.68 4.42 -8.56
CA PHE B 148 6.57 5.53 -9.53
C PHE B 148 5.36 5.26 -10.42
N ILE B 149 4.42 6.19 -10.38
CA ILE B 149 3.14 6.07 -11.14
C ILE B 149 3.05 7.25 -12.09
N GLY B 150 3.02 6.96 -13.39
CA GLY B 150 2.79 7.97 -14.43
C GLY B 150 1.32 8.33 -14.57
N CYS B 151 1.03 9.61 -14.83
CA CYS B 151 -0.36 10.07 -15.08
C CYS B 151 -0.38 11.43 -15.80
N GLU B 152 -1.55 11.80 -16.27
CA GLU B 152 -1.74 12.97 -17.16
C GLU B 152 -2.74 13.94 -16.53
N ILE B 153 -2.46 15.24 -16.67
CA ILE B 153 -3.38 16.33 -16.25
C ILE B 153 -4.66 16.26 -17.10
N ILE B 154 -5.84 16.18 -16.47
CA ILE B 154 -7.14 16.24 -17.21
C ILE B 154 -7.95 17.45 -16.72
N GLY B 155 -7.42 18.28 -15.84
CA GLY B 155 -8.23 19.35 -15.21
C GLY B 155 -7.49 20.01 -14.08
N GLY B 156 -8.18 20.91 -13.38
CA GLY B 156 -7.65 21.71 -12.26
C GLY B 156 -6.70 22.77 -12.75
N GLU B 157 -6.08 23.53 -11.83
CA GLU B 157 -5.10 24.57 -12.18
C GLU B 157 -3.97 24.59 -11.15
N LYS B 158 -2.81 25.11 -11.55
CA LYS B 158 -1.61 25.21 -10.70
C LYS B 158 -1.91 26.11 -9.51
N LYS B 159 -1.83 25.55 -8.30
CA LYS B 159 -2.07 26.26 -7.02
C LYS B 159 -0.97 25.89 -6.04
N THR B 160 -0.15 26.87 -5.67
CA THR B 160 0.89 26.77 -4.62
C THR B 160 0.19 26.82 -3.26
N SER B 161 0.95 26.64 -2.18
CA SER B 161 0.41 26.16 -0.88
C SER B 161 1.26 26.72 0.27
N ILE B 162 0.77 26.63 1.49
CA ILE B 162 1.57 26.93 2.72
C ILE B 162 2.64 25.83 2.84
N GLU B 163 2.22 24.61 2.48
CA GLU B 163 3.02 23.37 2.50
C GLU B 163 3.94 23.31 1.27
N THR B 164 3.39 23.71 0.11
CA THR B 164 3.99 23.54 -1.23
C THR B 164 4.21 24.93 -1.84
N GLU B 165 5.42 25.46 -1.69
CA GLU B 165 5.66 26.91 -1.85
C GLU B 165 5.76 27.23 -3.34
N GLU B 166 6.26 26.28 -4.13
CA GLU B 166 6.36 26.41 -5.60
C GLU B 166 5.99 25.09 -6.26
N VAL B 167 5.38 25.23 -7.43
CA VAL B 167 5.02 24.15 -8.37
C VAL B 167 5.56 24.57 -9.75
N GLU B 168 6.51 23.81 -10.29
CA GLU B 168 7.16 24.14 -11.59
C GLU B 168 7.34 22.86 -12.41
N PHE B 169 7.21 22.96 -13.73
CA PHE B 169 7.63 21.90 -14.69
C PHE B 169 9.06 22.17 -15.15
N PHE B 170 9.90 21.12 -15.16
CA PHE B 170 11.34 21.22 -15.46
C PHE B 170 11.77 20.16 -16.47
N GLY B 171 12.59 20.60 -17.43
CA GLY B 171 13.23 19.73 -18.43
C GLY B 171 14.46 19.06 -17.89
N GLU B 172 14.98 18.09 -18.63
CA GLU B 172 16.00 17.14 -18.14
C GLU B 172 17.33 17.86 -17.86
N ASN B 173 17.60 19.00 -18.50
CA ASN B 173 18.91 19.70 -18.34
C ASN B 173 18.78 20.89 -17.40
N GLU B 174 17.58 21.20 -16.92
CA GLU B 174 17.34 22.37 -16.04
C GLU B 174 16.73 21.92 -14.72
N LEU B 175 17.18 20.78 -14.19
CA LEU B 175 16.58 20.21 -12.96
C LEU B 175 16.90 21.10 -11.77
N PRO B 176 15.91 21.31 -10.86
CA PRO B 176 16.12 22.08 -9.64
C PRO B 176 16.95 21.25 -8.64
N ASN B 177 17.23 21.84 -7.48
CA ASN B 177 17.90 21.13 -6.37
C ASN B 177 16.93 20.06 -5.85
N LEU B 178 17.29 18.78 -6.01
CA LEU B 178 16.42 17.62 -5.66
C LEU B 178 16.46 17.32 -4.16
N SER B 179 15.29 17.05 -3.58
CA SER B 179 15.15 16.40 -2.25
C SER B 179 15.48 14.91 -2.38
N ILE B 180 16.68 14.50 -1.99
CA ILE B 180 17.23 13.20 -2.43
C ILE B 180 16.53 12.03 -1.74
N ALA B 181 16.10 12.15 -0.48
CA ALA B 181 15.32 11.09 0.21
C ALA B 181 14.04 10.79 -0.59
N ARG B 182 13.39 11.82 -1.13
CA ARG B 182 12.07 11.71 -1.85
C ARG B 182 12.29 11.22 -3.28
N ASN B 183 13.37 11.63 -3.94
CA ASN B 183 13.69 11.13 -5.30
C ASN B 183 15.16 11.39 -5.61
N THR B 184 15.85 10.33 -5.99
CA THR B 184 17.30 10.38 -6.28
C THR B 184 17.46 10.94 -7.68
N GLU B 185 18.69 11.27 -8.01
CA GLU B 185 19.01 11.80 -9.36
C GLU B 185 18.83 10.66 -10.37
N ASP B 186 19.19 9.43 -10.00
CA ASP B 186 18.96 8.25 -10.89
C ASP B 186 17.46 7.98 -11.08
N GLN B 187 16.64 8.08 -10.04
CA GLN B 187 15.18 7.82 -10.21
C GLN B 187 14.59 8.82 -11.22
N ILE B 188 14.98 10.10 -11.13
CA ILE B 188 14.49 11.15 -12.08
C ILE B 188 15.01 10.89 -13.50
N LYS B 189 16.30 10.61 -13.63
CA LYS B 189 16.91 10.23 -14.93
C LYS B 189 16.07 9.11 -15.57
N GLU B 190 15.82 8.02 -14.84
CA GLU B 190 15.00 6.85 -15.29
C GLU B 190 13.64 7.30 -15.79
N MET B 191 13.02 8.26 -15.10
CA MET B 191 11.67 8.75 -15.46
C MET B 191 11.78 9.47 -16.82
N PHE B 192 12.82 10.27 -17.03
CA PHE B 192 13.03 10.95 -18.34
C PHE B 192 13.23 9.89 -19.43
N ALA B 193 13.99 8.85 -19.12
CA ALA B 193 14.17 7.70 -20.03
C ALA B 193 12.83 7.07 -20.41
N TYR B 194 11.85 7.00 -19.49
CA TYR B 194 10.52 6.41 -19.81
C TYR B 194 9.78 7.34 -20.77
N MET B 195 9.83 8.64 -20.51
CA MET B 195 9.15 9.65 -21.38
C MET B 195 9.71 9.53 -22.82
N LYS B 196 11.02 9.45 -22.98
CA LYS B 196 11.69 9.46 -24.31
C LYS B 196 11.48 8.12 -25.03
N ASP B 197 11.73 6.97 -24.38
CA ASP B 197 11.41 5.60 -24.90
C ASP B 197 10.29 4.96 -24.07
N PRO B 198 9.00 5.05 -24.48
CA PRO B 198 7.88 4.67 -23.61
C PRO B 198 7.61 3.16 -23.57
N GLN B 199 8.51 2.38 -24.18
CA GLN B 199 8.51 0.90 -24.13
C GLN B 199 9.83 0.42 -23.52
N LYS B 200 10.49 1.27 -22.74
CA LYS B 200 11.64 0.85 -21.90
C LYS B 200 11.13 -0.14 -20.85
N GLU B 201 11.94 -1.12 -20.50
CA GLU B 201 11.56 -2.12 -19.48
C GLU B 201 11.35 -1.37 -18.15
N LYS B 202 10.28 -1.69 -17.44
CA LYS B 202 9.98 -1.05 -16.13
C LYS B 202 10.89 -1.65 -15.07
N LEU B 203 11.47 -0.78 -14.25
CA LEU B 203 12.48 -1.22 -13.27
C LEU B 203 11.77 -1.77 -12.04
N ILE B 204 12.29 -2.86 -11.51
CA ILE B 204 11.86 -3.37 -10.20
C ILE B 204 13.09 -3.91 -9.50
N ASP B 205 13.41 -3.26 -8.39
CA ASP B 205 14.53 -3.66 -7.51
C ASP B 205 14.18 -5.01 -6.88
S SO4 C . -9.81 -18.97 1.38
O1 SO4 C . -9.98 -19.48 0.05
O2 SO4 C . -8.47 -18.45 1.58
O3 SO4 C . -10.76 -17.90 1.57
O4 SO4 C . -10.09 -20.02 2.36
S SO4 D . 8.67 -4.99 -19.09
O1 SO4 D . 7.69 -6.02 -19.23
O2 SO4 D . 9.84 -5.33 -19.87
O3 SO4 D . 8.11 -3.72 -19.49
O4 SO4 D . 9.06 -4.89 -17.70
S SO4 E . -7.53 -3.14 28.95
O1 SO4 E . -6.69 -4.30 29.09
O2 SO4 E . -8.49 -3.37 27.90
O3 SO4 E . -6.71 -2.00 28.61
O4 SO4 E . -8.23 -2.88 30.18
S SO4 F . 3.33 -30.28 -19.31
O1 SO4 F . 2.76 -31.36 -20.07
O2 SO4 F . 3.97 -29.33 -20.20
O3 SO4 F . 2.29 -29.61 -18.58
O4 SO4 F . 4.30 -30.80 -18.39
P PO4 G . 9.13 11.54 6.73
O1 PO4 G . 8.87 10.91 5.36
O2 PO4 G . 10.31 12.49 6.63
O3 PO4 G . 7.89 12.31 7.16
O4 PO4 G . 9.45 10.43 7.76
C1 PEG H . -17.35 -8.93 24.88
O1 PEG H . -16.62 -8.87 23.67
C2 PEG H . -16.80 -8.03 25.96
O2 PEG H . -16.12 -6.93 25.36
C3 PEG H . -15.89 -5.84 26.25
C4 PEG H . -15.94 -4.55 25.48
O4 PEG H . -16.14 -3.40 26.29
C5 RB5 I . 4.74 14.67 10.73
O5 RB5 I . 5.11 16.03 10.94
C4 RB5 I . 3.97 14.35 9.46
O4 RB5 I . 2.84 15.21 9.44
C3 RB5 I . 4.65 14.42 8.08
O3 RB5 I . 6.05 14.14 8.14
C2 RB5 I . 3.89 13.35 7.32
O2 RB5 I . 2.64 13.89 6.96
C1 RB5 I . 4.60 12.74 6.09
O1 RB5 I . 5.72 12.36 6.11
S SO4 J . 15.62 26.81 -5.37
O1 SO4 J . 16.76 25.94 -5.61
O2 SO4 J . 14.91 27.01 -6.61
O3 SO4 J . 14.74 26.19 -4.40
O4 SO4 J . 16.07 28.06 -4.86
S SO4 K . -19.93 8.45 5.27
O1 SO4 K . -20.74 7.53 4.50
O2 SO4 K . -19.58 9.58 4.45
O3 SO4 K . -20.67 8.89 6.42
O4 SO4 K . -18.72 7.79 5.70
#